data_6Y3J
#
_entry.id   6Y3J
#
_cell.length_a   104.933
_cell.length_b   104.933
_cell.length_c   74.544
_cell.angle_alpha   90.000
_cell.angle_beta   90.000
_cell.angle_gamma   120.000
#
_symmetry.space_group_name_H-M   'P 32 2 1'
#
loop_
_entity.id
_entity.type
_entity.pdbx_description
1 polymer 'Probable E3 ubiquitin-protein ligase DTX2'
2 non-polymer ADENOSINE-5-DIPHOSPHORIBOSE
3 non-polymer 'ZINC ION'
4 water water
#
_entity_poly.entity_id   1
_entity_poly.type   'polypeptide(L)'
_entity_poly.pdbx_seq_one_letter_code
;GSEPEPEQVIKNYTEELKVPPDEDCIICMEKLSTASGYSDVTDSKAIGSLAVGHLTKCSHAFHLLCLLAMYCNGNKDGSL
QCPSCKTIYGEKTGTQPQGKMEVLRFQMSLPGHEDCGTILIVYSIPHGIQGPEHPNPGKPFTARGFPRQCYLPDNAQGRK
VLELLKVAWKRRLIFTVGTSSTTGETDTVVWNEIHHKTEMDRNITGHGYPDPNYLQNVLAELAAQGVTEDCLEQQ
;
_entity_poly.pdbx_strand_id   A
#
loop_
_chem_comp.id
_chem_comp.type
_chem_comp.name
_chem_comp.formula
APR non-polymer ADENOSINE-5-DIPHOSPHORIBOSE 'C15 H23 N5 O14 P2'
ZN non-polymer 'ZINC ION' 'Zn 2'
#
# COMPACT_ATOMS: atom_id res chain seq x y z
N GLU A 3 -11.86 14.77 -0.33
CA GLU A 3 -11.27 14.08 0.82
C GLU A 3 -11.36 14.93 2.09
N PRO A 4 -12.03 14.43 3.12
CA PRO A 4 -12.15 15.19 4.37
C PRO A 4 -10.81 15.50 5.00
N GLU A 5 -10.85 16.38 6.00
CA GLU A 5 -9.62 16.83 6.68
C GLU A 5 -9.12 15.71 7.60
N PRO A 6 -7.84 15.71 7.98
CA PRO A 6 -7.29 14.67 8.80
C PRO A 6 -8.07 14.49 10.11
N GLU A 7 -8.47 15.56 10.78
CA GLU A 7 -9.27 15.38 12.02
C GLU A 7 -10.61 14.76 11.65
N GLN A 8 -11.21 15.20 10.56
CA GLN A 8 -12.53 14.68 10.14
C GLN A 8 -12.40 13.24 9.67
N VAL A 9 -11.26 12.89 9.08
CA VAL A 9 -11.10 11.49 8.62
C VAL A 9 -11.23 10.59 9.83
N ILE A 10 -10.55 10.90 10.93
CA ILE A 10 -10.56 10.07 12.16
C ILE A 10 -11.95 10.08 12.81
N LYS A 11 -12.71 11.15 12.66
CA LYS A 11 -14.08 11.25 13.22
C LYS A 11 -14.95 10.22 12.50
N ASN A 12 -14.72 10.09 11.19
CA ASN A 12 -15.38 9.00 10.42
C ASN A 12 -14.69 7.67 10.79
N TYR A 13 -15.36 6.56 10.56
CA TYR A 13 -14.79 5.24 10.90
C TYR A 13 -14.31 5.22 12.36
N THR A 14 -15.04 5.86 13.26
CA THR A 14 -14.66 5.84 14.68
C THR A 14 -15.88 6.17 15.50
N GLU A 15 -15.89 5.61 16.69
CA GLU A 15 -16.93 5.85 17.67
C GLU A 15 -16.27 6.00 19.02
N GLU A 16 -16.38 7.20 19.60
CA GLU A 16 -15.69 7.55 20.81
C GLU A 16 -16.09 6.65 21.97
N LEU A 17 -15.13 6.36 22.83
CA LEU A 17 -15.34 5.51 23.99
C LEU A 17 -15.72 6.37 25.20
N LYS A 18 -16.78 5.95 25.88
CA LYS A 18 -17.18 6.65 27.09
C LYS A 18 -16.00 6.76 28.07
N VAL A 19 -15.51 5.64 28.56
CA VAL A 19 -14.40 5.62 29.49
C VAL A 19 -13.42 4.56 29.03
N PRO A 20 -12.17 4.92 28.75
CA PRO A 20 -11.27 3.95 28.14
C PRO A 20 -10.83 2.91 29.14
N PRO A 21 -10.58 1.69 28.70
CA PRO A 21 -10.12 0.64 29.60
C PRO A 21 -8.66 0.84 29.98
N ASP A 22 -8.22 0.00 30.91
CA ASP A 22 -6.81 -0.14 31.27
C ASP A 22 -5.97 -0.74 30.16
N GLU A 23 -6.60 -1.35 29.16
CA GLU A 23 -5.89 -1.93 28.04
C GLU A 23 -5.14 -0.84 27.26
N ASP A 24 -3.98 -1.20 26.72
CA ASP A 24 -3.07 -0.26 26.07
C ASP A 24 -3.49 0.08 24.64
N CYS A 25 -3.11 1.29 24.23
CA CYS A 25 -3.16 1.71 22.83
C CYS A 25 -1.90 1.20 22.16
N ILE A 26 -2.05 0.42 21.09
CA ILE A 26 -0.82 -0.11 20.50
C ILE A 26 -0.07 0.90 19.66
N ILE A 27 -0.62 2.09 19.43
CA ILE A 27 0.13 3.04 18.62
C ILE A 27 1.15 3.78 19.47
N CYS A 28 0.79 4.16 20.68
CA CYS A 28 1.68 4.94 21.52
C CYS A 28 2.20 4.13 22.70
N MET A 29 1.75 2.88 22.83
CA MET A 29 2.14 2.01 23.93
C MET A 29 1.90 2.67 25.29
N GLU A 30 0.80 3.41 25.39
CA GLU A 30 0.33 3.92 26.67
C GLU A 30 -1.11 3.50 26.90
N LYS A 31 -1.48 3.41 28.17
CA LYS A 31 -2.83 2.99 28.53
C LYS A 31 -3.86 3.92 27.92
N LEU A 32 -4.89 3.32 27.31
CA LEU A 32 -5.98 4.11 26.80
C LEU A 32 -6.59 4.95 27.90
N SER A 33 -6.41 4.54 29.15
CA SER A 33 -6.98 5.37 30.26
C SER A 33 -6.23 6.69 30.34
N THR A 34 -4.92 6.66 30.07
CA THR A 34 -4.07 7.86 30.18
C THR A 34 -4.05 8.70 28.91
N ALA A 35 -3.05 9.58 28.81
CA ALA A 35 -3.00 10.55 27.70
C ALA A 35 -2.10 10.01 26.60
N SER A 36 -2.45 10.28 25.33
CA SER A 36 -1.68 9.79 24.18
C SER A 36 -0.19 10.14 24.34
N GLY A 37 0.69 9.22 23.97
CA GLY A 37 2.15 9.40 24.08
C GLY A 37 2.73 10.27 22.98
N TYR A 38 1.93 10.60 21.98
CA TYR A 38 2.27 11.48 20.85
C TYR A 38 1.61 12.86 21.04
N SER A 39 1.04 13.14 22.20
CA SER A 39 0.37 14.43 22.52
C SER A 39 1.38 15.58 22.46
N ASP A 40 2.60 15.32 22.90
CA ASP A 40 3.68 16.32 22.88
C ASP A 40 4.12 16.68 21.47
N VAL A 41 3.90 15.84 20.45
CA VAL A 41 4.34 16.30 19.11
C VAL A 41 3.17 16.41 18.14
N THR A 42 1.97 16.00 18.52
CA THR A 42 0.86 16.04 17.56
C THR A 42 -0.12 17.09 18.04
N ASP A 43 -0.64 17.90 17.13
CA ASP A 43 -1.48 19.02 17.52
C ASP A 43 -2.73 19.01 16.65
N SER A 44 -3.87 18.72 17.25
CA SER A 44 -5.14 18.87 16.54
C SER A 44 -5.89 20.13 16.96
N LYS A 45 -7.07 20.28 16.37
CA LYS A 45 -8.07 21.24 16.79
C LYS A 45 -9.17 20.60 17.60
N ALA A 46 -9.82 19.57 17.07
CA ALA A 46 -10.97 18.96 17.71
C ALA A 46 -10.63 17.64 18.40
N ILE A 47 -9.36 17.32 18.57
CA ILE A 47 -9.00 16.04 19.16
C ILE A 47 -8.10 16.26 20.34
N GLY A 48 -8.53 15.78 21.50
CA GLY A 48 -7.77 15.90 22.72
C GLY A 48 -6.69 14.86 22.84
N SER A 49 -6.28 14.60 24.08
CA SER A 49 -5.21 13.62 24.39
C SER A 49 -5.80 12.42 25.11
N LEU A 50 -7.04 12.57 25.58
CA LEU A 50 -7.74 11.49 26.22
C LEU A 50 -8.94 11.09 25.39
N ALA A 51 -9.06 11.65 24.19
CA ALA A 51 -10.04 11.18 23.23
C ALA A 51 -9.67 9.79 22.73
N VAL A 52 -10.59 8.84 22.91
CA VAL A 52 -10.38 7.45 22.54
C VAL A 52 -11.66 6.91 21.93
N GLY A 53 -11.55 6.27 20.77
CA GLY A 53 -12.62 5.47 20.21
C GLY A 53 -12.06 4.18 19.63
N HIS A 54 -12.95 3.25 19.34
CA HIS A 54 -12.54 2.06 18.62
C HIS A 54 -13.09 2.13 17.19
N LEU A 55 -12.45 1.39 16.27
CA LEU A 55 -12.76 1.54 14.85
C LEU A 55 -14.10 0.92 14.53
N THR A 56 -14.75 1.45 13.48
CA THR A 56 -16.14 1.10 13.22
C THR A 56 -16.33 -0.40 13.13
N LYS A 57 -15.68 -1.02 12.14
CA LYS A 57 -15.89 -2.43 11.90
C LYS A 57 -14.99 -3.31 12.74
N CYS A 58 -13.68 -3.03 12.79
CA CYS A 58 -12.82 -3.96 13.51
C CYS A 58 -12.78 -3.75 15.01
N SER A 59 -13.40 -2.69 15.52
CA SER A 59 -13.61 -2.48 16.96
C SER A 59 -12.31 -2.59 17.77
N HIS A 60 -11.24 -2.03 17.24
CA HIS A 60 -9.99 -1.86 17.97
C HIS A 60 -9.82 -0.40 18.40
N ALA A 61 -9.39 -0.22 19.64
CA ALA A 61 -9.45 1.05 20.33
C ALA A 61 -8.06 1.68 20.41
N PHE A 62 -7.98 2.98 20.10
CA PHE A 62 -6.75 3.74 20.21
C PHE A 62 -7.05 5.17 20.65
N HIS A 63 -6.02 5.83 21.17
CA HIS A 63 -6.06 7.27 21.28
C HIS A 63 -6.31 7.90 19.91
N LEU A 64 -7.50 8.50 19.70
CA LEU A 64 -7.83 9.15 18.43
C LEU A 64 -6.74 10.11 17.98
N LEU A 65 -5.88 10.50 18.90
CA LEU A 65 -4.78 11.44 18.57
C LEU A 65 -3.67 10.62 17.92
N CYS A 66 -3.37 9.48 18.50
CA CYS A 66 -2.48 8.50 17.89
C CYS A 66 -2.97 8.15 16.49
N LEU A 67 -4.23 7.73 16.36
CA LEU A 67 -4.81 7.52 15.03
C LEU A 67 -4.47 8.64 14.08
N LEU A 68 -4.70 9.88 14.53
CA LEU A 68 -4.46 11.07 13.73
C LEU A 68 -2.98 11.25 13.44
N ALA A 69 -2.15 11.09 14.47
CA ALA A 69 -0.71 11.11 14.29
C ALA A 69 -0.30 10.12 13.23
N MET A 70 -0.82 8.90 13.30
CA MET A 70 -0.55 7.91 12.26
C MET A 70 -0.96 8.43 10.89
N TYR A 71 -2.27 8.59 10.67
CA TYR A 71 -2.81 9.03 9.37
C TYR A 71 -1.93 10.09 8.72
N CYS A 72 -1.57 11.10 9.52
CA CYS A 72 -0.86 12.28 9.02
C CYS A 72 0.55 11.97 8.56
N ASN A 73 1.17 10.94 9.13
CA ASN A 73 2.52 10.56 8.70
C ASN A 73 2.52 10.00 7.28
N GLY A 74 1.39 9.50 6.81
CA GLY A 74 1.28 9.00 5.45
C GLY A 74 0.73 10.04 4.49
N ASN A 75 0.53 9.60 3.26
CA ASN A 75 -0.28 10.35 2.31
C ASN A 75 -1.71 10.37 2.84
N LYS A 76 -2.40 11.48 2.60
CA LYS A 76 -3.65 11.73 3.28
C LYS A 76 -4.80 11.60 2.28
N ASP A 77 -4.97 10.38 1.79
CA ASP A 77 -5.98 10.11 0.78
C ASP A 77 -7.38 9.97 1.35
N GLY A 78 -7.56 10.13 2.64
CA GLY A 78 -8.86 9.89 3.24
C GLY A 78 -9.15 8.44 3.56
N SER A 79 -8.17 7.55 3.47
CA SER A 79 -8.34 6.21 3.98
C SER A 79 -7.52 6.04 5.24
N LEU A 80 -7.87 5.00 5.99
CA LEU A 80 -7.26 4.74 7.28
C LEU A 80 -7.15 3.23 7.51
N GLN A 81 -5.96 2.78 7.89
CA GLN A 81 -5.66 1.37 8.04
C GLN A 81 -5.46 1.06 9.52
N CYS A 82 -6.29 0.15 10.05
CA CYS A 82 -6.15 -0.24 11.44
C CYS A 82 -4.74 -0.75 11.68
N PRO A 83 -3.99 -0.19 12.63
CA PRO A 83 -2.65 -0.74 12.89
C PRO A 83 -2.70 -2.10 13.54
N SER A 84 -3.83 -2.53 14.06
CA SER A 84 -3.81 -3.86 14.67
C SER A 84 -4.05 -4.93 13.60
N CYS A 85 -5.22 -4.91 12.99
CA CYS A 85 -5.69 -5.92 12.07
C CYS A 85 -5.64 -5.51 10.61
N LYS A 86 -5.29 -4.27 10.32
CA LYS A 86 -5.03 -3.76 8.97
C LYS A 86 -6.26 -3.63 8.09
N THR A 87 -7.47 -3.77 8.63
CA THR A 87 -8.65 -3.39 7.88
C THR A 87 -8.45 -2.03 7.21
N ILE A 88 -8.91 -1.92 5.97
CA ILE A 88 -8.88 -0.66 5.25
C ILE A 88 -10.21 0.03 5.45
N TYR A 89 -10.18 1.30 5.83
CA TYR A 89 -11.35 2.16 5.94
C TYR A 89 -11.26 3.16 4.80
N GLY A 90 -12.28 3.19 3.95
CA GLY A 90 -12.15 3.92 2.71
C GLY A 90 -11.37 3.12 1.66
N GLU A 91 -10.74 3.84 0.75
CA GLU A 91 -10.08 3.28 -0.43
C GLU A 91 -8.59 3.60 -0.40
N LYS A 92 -7.78 2.68 0.14
CA LYS A 92 -6.36 2.96 0.25
C LYS A 92 -5.76 3.29 -1.10
N THR A 93 -4.96 4.35 -1.17
CA THR A 93 -4.17 4.56 -2.38
C THR A 93 -2.74 4.87 -1.99
N GLY A 94 -1.93 5.32 -2.93
CA GLY A 94 -0.52 5.29 -2.64
C GLY A 94 0.25 6.26 -3.50
N THR A 95 1.55 6.28 -3.26
CA THR A 95 2.42 7.36 -3.73
C THR A 95 3.12 6.98 -5.03
N GLN A 96 2.32 6.66 -6.03
CA GLN A 96 2.96 6.16 -7.25
C GLN A 96 3.05 7.29 -8.24
N PRO A 97 4.24 7.64 -8.73
CA PRO A 97 4.44 8.70 -9.66
C PRO A 97 3.81 8.49 -11.04
N GLN A 98 3.63 9.56 -11.78
CA GLN A 98 2.98 9.44 -13.09
C GLN A 98 3.75 8.48 -14.01
N GLY A 99 3.02 7.67 -14.77
CA GLY A 99 3.63 6.76 -15.73
C GLY A 99 2.58 5.98 -16.49
N LYS A 100 3.05 5.00 -17.28
CA LYS A 100 2.13 4.18 -18.06
C LYS A 100 2.29 2.70 -17.77
N MET A 101 1.18 2.02 -17.98
CA MET A 101 1.06 0.58 -17.81
C MET A 101 0.59 0.03 -19.14
N GLU A 102 1.46 -0.68 -19.84
CA GLU A 102 1.06 -1.40 -21.02
C GLU A 102 0.91 -2.89 -20.72
N VAL A 103 -0.04 -3.51 -21.39
CA VAL A 103 -0.28 -4.94 -21.24
C VAL A 103 -0.28 -5.58 -22.64
N LEU A 104 0.46 -6.71 -22.79
CA LEU A 104 0.47 -7.51 -24.01
C LEU A 104 0.28 -8.98 -23.68
N ARG A 105 -0.12 -9.77 -24.69
CA ARG A 105 -0.22 -11.24 -24.62
C ARG A 105 0.59 -11.93 -25.70
N PHE A 106 1.15 -13.07 -25.36
CA PHE A 106 1.80 -13.89 -26.40
C PHE A 106 1.46 -15.36 -26.17
N GLN A 107 1.47 -16.13 -27.24
CA GLN A 107 1.07 -17.56 -27.23
C GLN A 107 2.03 -18.46 -26.44
N MET A 108 3.30 -18.11 -26.37
CA MET A 108 4.30 -18.95 -25.66
C MET A 108 3.92 -19.15 -24.20
N SER A 109 4.14 -20.34 -23.65
CA SER A 109 3.79 -20.63 -22.25
C SER A 109 4.96 -20.36 -21.32
N LEU A 110 4.64 -20.22 -20.05
CA LEU A 110 5.67 -19.97 -19.02
C LEU A 110 6.01 -21.28 -18.33
N PRO A 111 7.24 -21.45 -17.81
CA PRO A 111 7.55 -22.59 -17.00
C PRO A 111 6.50 -22.76 -15.92
N GLY A 112 5.85 -23.91 -15.89
CA GLY A 112 4.82 -24.22 -14.93
C GLY A 112 3.43 -23.97 -15.42
N HIS A 113 3.28 -23.43 -16.63
CA HIS A 113 1.95 -23.12 -17.12
C HIS A 113 1.86 -23.44 -18.60
N GLU A 114 2.26 -24.65 -18.98
CA GLU A 114 2.26 -25.02 -20.39
C GLU A 114 0.86 -25.14 -20.95
N ASP A 115 -0.16 -25.22 -20.11
CA ASP A 115 -1.56 -25.24 -20.53
C ASP A 115 -2.01 -23.95 -21.21
N CYS A 116 -1.24 -22.87 -21.11
CA CYS A 116 -1.79 -21.56 -21.42
C CYS A 116 -0.70 -20.65 -21.95
N GLY A 117 -1.21 -19.52 -22.43
CA GLY A 117 -0.46 -18.37 -22.95
C GLY A 117 0.12 -17.50 -21.84
N THR A 118 0.65 -16.36 -22.23
CA THR A 118 1.36 -15.51 -21.30
C THR A 118 0.97 -14.07 -21.52
N ILE A 119 0.76 -13.37 -20.39
CA ILE A 119 0.49 -11.94 -20.33
C ILE A 119 1.75 -11.18 -19.99
N LEU A 120 2.04 -10.17 -20.79
CA LEU A 120 3.18 -9.28 -20.53
C LEU A 120 2.68 -7.93 -20.03
N ILE A 121 3.11 -7.53 -18.84
CA ILE A 121 2.73 -6.21 -18.29
C ILE A 121 3.97 -5.33 -18.33
N VAL A 122 3.86 -4.16 -18.93
CA VAL A 122 5.00 -3.25 -19.02
C VAL A 122 4.72 -1.90 -18.35
N TYR A 123 5.43 -1.69 -17.25
CA TYR A 123 5.36 -0.48 -16.46
C TYR A 123 6.50 0.45 -16.87
N SER A 124 6.16 1.65 -17.36
CA SER A 124 7.14 2.67 -17.69
C SER A 124 6.87 3.88 -16.81
N ILE A 125 7.88 4.32 -16.08
CA ILE A 125 7.73 5.38 -15.10
C ILE A 125 8.93 6.32 -15.16
N PRO A 126 8.72 7.60 -15.52
CA PRO A 126 9.84 8.55 -15.62
C PRO A 126 10.19 9.18 -14.29
N HIS A 127 11.45 9.58 -14.18
CA HIS A 127 11.93 10.41 -13.09
C HIS A 127 11.13 11.71 -13.03
N GLY A 128 11.10 12.34 -11.88
CA GLY A 128 10.44 13.63 -11.76
C GLY A 128 10.77 14.42 -10.52
N ILE A 129 9.80 15.21 -10.10
CA ILE A 129 9.95 16.06 -8.88
C ILE A 129 9.01 15.50 -7.84
N GLN A 130 9.49 15.29 -6.64
CA GLN A 130 8.61 14.72 -5.59
C GLN A 130 7.44 15.64 -5.31
N GLY A 131 6.28 15.06 -5.09
CA GLY A 131 5.02 15.73 -4.79
C GLY A 131 4.74 15.77 -3.32
N PRO A 132 3.61 16.34 -2.86
CA PRO A 132 3.33 16.48 -1.45
C PRO A 132 3.32 15.16 -0.69
N GLU A 133 2.78 14.11 -1.33
CA GLU A 133 2.68 12.74 -0.78
C GLU A 133 4.05 12.10 -0.61
N HIS A 134 5.02 12.47 -1.45
CA HIS A 134 6.36 11.82 -1.45
C HIS A 134 7.21 12.29 -0.31
N PRO A 135 8.46 11.59 0.12
CA PRO A 135 9.41 11.82 1.21
C PRO A 135 9.93 13.25 1.30
N ASN A 136 10.40 13.80 0.18
CA ASN A 136 11.00 15.13 0.12
C ASN A 136 10.30 15.92 -0.96
N PRO A 137 9.12 16.48 -0.68
CA PRO A 137 8.41 17.26 -1.70
C PRO A 137 9.30 18.31 -2.32
N GLY A 138 9.13 18.48 -3.62
CA GLY A 138 9.91 19.49 -4.32
C GLY A 138 11.25 18.97 -4.79
N LYS A 139 11.82 18.06 -4.09
CA LYS A 139 13.10 17.64 -4.62
C LYS A 139 12.95 16.50 -5.65
N PRO A 140 13.89 16.34 -6.59
CA PRO A 140 13.73 15.28 -7.61
C PRO A 140 13.69 13.89 -7.02
N PHE A 141 13.14 12.97 -7.81
CA PHE A 141 13.24 11.53 -7.59
C PHE A 141 13.74 10.86 -8.88
N THR A 142 14.50 9.77 -8.72
CA THR A 142 14.94 8.93 -9.85
C THR A 142 14.00 7.76 -10.08
N ALA A 143 13.99 7.29 -11.31
CA ALA A 143 13.32 6.04 -11.68
C ALA A 143 14.32 5.13 -12.39
N ARG A 144 14.71 4.04 -11.73
CA ARG A 144 15.74 3.14 -12.23
C ARG A 144 15.13 1.88 -12.86
N GLY A 145 15.57 1.58 -14.08
CA GLY A 145 15.25 0.31 -14.69
C GLY A 145 13.94 0.29 -15.43
N PHE A 146 13.49 1.37 -15.92
CA PHE A 146 12.25 1.24 -16.65
C PHE A 146 12.54 1.24 -18.14
N PRO A 147 11.68 0.61 -18.95
CA PRO A 147 10.46 -0.08 -18.54
C PRO A 147 10.76 -1.39 -17.82
N ARG A 148 9.83 -1.81 -17.00
CA ARG A 148 9.98 -3.06 -16.24
C ARG A 148 8.92 -4.03 -16.77
N GLN A 149 9.35 -5.12 -17.42
CA GLN A 149 8.45 -6.15 -18.02
C GLN A 149 8.07 -7.20 -16.99
N CYS A 150 6.79 -7.55 -16.95
CA CYS A 150 6.26 -8.50 -15.95
C CYS A 150 5.39 -9.55 -16.63
N TYR A 151 5.33 -10.75 -16.06
CA TYR A 151 4.66 -11.88 -16.77
C TYR A 151 3.56 -12.57 -15.98
N LEU A 152 2.43 -12.81 -16.60
CA LEU A 152 1.36 -13.54 -15.87
C LEU A 152 0.90 -14.71 -16.74
N PRO A 153 0.61 -15.88 -16.16
CA PRO A 153 0.07 -16.97 -16.93
C PRO A 153 -1.27 -16.51 -17.47
N ASP A 154 -1.60 -16.76 -18.72
CA ASP A 154 -2.88 -16.26 -19.29
C ASP A 154 -4.03 -17.22 -19.02
N ASN A 155 -4.25 -17.65 -17.80
CA ASN A 155 -5.39 -18.55 -17.57
C ASN A 155 -6.52 -17.74 -16.95
N ALA A 156 -7.25 -18.32 -16.02
CA ALA A 156 -8.37 -17.62 -15.37
C ALA A 156 -7.79 -16.79 -14.22
N GLN A 157 -7.06 -17.42 -13.33
CA GLN A 157 -6.47 -16.66 -12.23
C GLN A 157 -5.57 -15.55 -12.78
N GLY A 158 -4.66 -15.90 -13.68
CA GLY A 158 -3.77 -14.88 -14.22
C GLY A 158 -4.49 -13.69 -14.81
N ARG A 159 -5.65 -13.94 -15.44
CA ARG A 159 -6.39 -12.84 -16.04
C ARG A 159 -7.18 -12.06 -15.01
N LYS A 160 -7.57 -12.73 -13.92
CA LYS A 160 -8.12 -12.08 -12.74
C LYS A 160 -7.11 -11.14 -12.12
N VAL A 161 -5.95 -11.68 -11.75
CA VAL A 161 -4.88 -10.86 -11.20
C VAL A 161 -4.53 -9.71 -12.11
N LEU A 162 -4.63 -9.90 -13.42
CA LEU A 162 -4.39 -8.79 -14.33
C LEU A 162 -5.32 -7.63 -14.01
N GLU A 163 -6.63 -7.90 -13.94
CA GLU A 163 -7.56 -6.82 -13.67
C GLU A 163 -7.34 -6.25 -12.28
N LEU A 164 -7.04 -7.09 -11.30
CA LEU A 164 -6.73 -6.55 -9.98
C LEU A 164 -5.50 -5.66 -10.02
N LEU A 165 -4.55 -5.95 -10.90
CA LEU A 165 -3.40 -5.08 -10.99
C LEU A 165 -3.70 -3.80 -11.76
N LYS A 166 -4.79 -3.77 -12.53
CA LYS A 166 -5.16 -2.53 -13.17
C LYS A 166 -5.81 -1.60 -12.15
N VAL A 167 -6.54 -2.19 -11.22
CA VAL A 167 -7.06 -1.43 -10.10
C VAL A 167 -5.92 -0.94 -9.22
N ALA A 168 -4.95 -1.80 -8.93
CA ALA A 168 -3.79 -1.37 -8.15
C ALA A 168 -3.11 -0.17 -8.78
N TRP A 169 -3.00 -0.16 -10.11
CA TRP A 169 -2.33 0.94 -10.77
C TRP A 169 -3.14 2.21 -10.65
N LYS A 170 -4.46 2.06 -10.82
CA LYS A 170 -5.36 3.20 -10.70
C LYS A 170 -5.20 3.87 -9.33
N ARG A 171 -5.15 3.07 -8.27
CA ARG A 171 -4.94 3.54 -6.92
C ARG A 171 -3.47 3.74 -6.58
N ARG A 172 -2.63 3.90 -7.57
CA ARG A 172 -1.20 4.21 -7.40
C ARG A 172 -0.52 3.36 -6.35
N LEU A 173 -0.78 2.05 -6.41
CA LEU A 173 -0.36 1.12 -5.38
C LEU A 173 0.87 0.30 -5.74
N ILE A 174 1.22 0.18 -7.02
CA ILE A 174 2.23 -0.81 -7.38
C ILE A 174 3.63 -0.30 -7.07
N PHE A 175 3.85 0.98 -7.32
CA PHE A 175 5.12 1.60 -7.02
C PHE A 175 4.95 2.70 -5.96
N THR A 176 6.09 3.11 -5.44
CA THR A 176 6.14 4.14 -4.42
C THR A 176 7.51 4.79 -4.53
N VAL A 177 7.62 5.99 -4.01
CA VAL A 177 8.93 6.60 -3.94
C VAL A 177 9.49 6.26 -2.58
N GLY A 178 10.77 5.92 -2.55
CA GLY A 178 11.37 5.47 -1.31
C GLY A 178 12.80 5.07 -1.56
N THR A 179 13.29 4.18 -0.72
CA THR A 179 14.62 3.62 -0.86
C THR A 179 14.57 2.20 -1.40
N SER A 180 15.55 1.86 -2.22
CA SER A 180 15.62 0.52 -2.82
C SER A 180 16.40 -0.40 -1.88
N SER A 181 15.80 -1.55 -1.53
CA SER A 181 16.51 -2.57 -0.69
C SER A 181 17.64 -3.14 -1.53
N THR A 182 17.39 -3.31 -2.83
CA THR A 182 18.46 -3.82 -3.69
C THR A 182 19.58 -2.79 -3.77
N THR A 183 19.30 -1.59 -4.27
CA THR A 183 20.46 -0.71 -4.56
C THR A 183 20.76 0.31 -3.46
N GLY A 184 20.00 0.34 -2.38
CA GLY A 184 20.32 1.32 -1.33
C GLY A 184 20.07 2.75 -1.74
N GLU A 185 19.87 3.03 -3.03
CA GLU A 185 19.67 4.43 -3.40
C GLU A 185 18.35 4.97 -2.86
N THR A 186 18.36 6.22 -2.42
CA THR A 186 17.20 6.84 -1.81
C THR A 186 16.46 7.75 -2.78
N ASP A 187 15.21 8.06 -2.41
CA ASP A 187 14.34 8.96 -3.17
C ASP A 187 14.19 8.51 -4.63
N THR A 188 13.59 7.33 -4.76
CA THR A 188 13.54 6.69 -6.07
C THR A 188 12.33 5.78 -6.15
N VAL A 189 11.92 5.50 -7.39
CA VAL A 189 10.76 4.65 -7.65
C VAL A 189 11.11 3.19 -7.35
N VAL A 190 10.37 2.56 -6.45
CA VAL A 190 10.63 1.19 -6.05
C VAL A 190 9.32 0.41 -6.01
N TRP A 191 9.46 -0.91 -6.04
CA TRP A 191 8.33 -1.85 -5.95
C TRP A 191 7.67 -1.65 -4.61
N ASN A 192 6.35 -1.71 -4.57
CA ASN A 192 5.65 -1.52 -3.30
C ASN A 192 4.69 -2.66 -3.00
N GLU A 193 5.11 -3.62 -2.19
CA GLU A 193 4.24 -4.58 -1.51
C GLU A 193 3.49 -5.60 -2.38
N ILE A 194 3.69 -5.60 -3.71
CA ILE A 194 2.95 -6.45 -4.63
C ILE A 194 3.99 -7.05 -5.57
N HIS A 195 4.47 -8.23 -5.19
CA HIS A 195 5.52 -8.95 -5.95
C HIS A 195 5.10 -9.20 -7.39
N HIS A 196 5.99 -8.85 -8.31
CA HIS A 196 5.75 -9.03 -9.76
C HIS A 196 6.84 -9.95 -10.28
N LYS A 197 6.52 -10.81 -11.24
CA LYS A 197 7.49 -11.74 -11.86
C LYS A 197 8.11 -11.01 -13.04
N THR A 198 9.40 -10.73 -12.97
CA THR A 198 10.06 -9.90 -14.01
C THR A 198 10.88 -10.74 -14.98
N GLU A 199 10.91 -12.05 -14.80
CA GLU A 199 11.62 -13.00 -15.64
C GLU A 199 10.72 -14.19 -15.92
N MET A 200 10.70 -14.67 -17.17
CA MET A 200 10.10 -15.99 -17.40
C MET A 200 10.96 -17.07 -16.78
N ASP A 201 12.27 -16.96 -16.93
CA ASP A 201 13.23 -17.93 -16.46
C ASP A 201 13.83 -17.48 -15.13
N ARG A 202 13.38 -18.08 -14.03
CA ARG A 202 13.76 -17.67 -12.68
C ARG A 202 15.23 -17.88 -12.35
N ASN A 203 16.02 -18.44 -13.26
CA ASN A 203 17.45 -18.55 -13.00
C ASN A 203 18.15 -17.22 -13.16
N ILE A 204 17.62 -16.33 -14.00
CA ILE A 204 18.34 -15.12 -14.35
C ILE A 204 18.45 -14.20 -13.15
N THR A 205 17.32 -13.84 -12.53
CA THR A 205 17.36 -12.88 -11.42
C THR A 205 16.89 -13.42 -10.08
N GLY A 206 15.97 -14.39 -10.05
CA GLY A 206 15.39 -14.83 -8.80
C GLY A 206 13.93 -14.52 -8.71
N HIS A 207 13.45 -13.79 -9.70
CA HIS A 207 12.05 -13.32 -9.74
C HIS A 207 11.38 -13.83 -11.01
N GLY A 208 11.32 -15.14 -11.15
CA GLY A 208 10.70 -15.71 -12.32
C GLY A 208 9.90 -16.98 -12.11
N TYR A 209 9.84 -17.78 -13.15
CA TYR A 209 9.04 -18.98 -13.12
C TYR A 209 9.95 -20.19 -13.25
N PRO A 210 9.47 -21.39 -12.88
CA PRO A 210 8.14 -21.68 -12.32
C PRO A 210 8.02 -21.26 -10.88
N ASP A 211 6.79 -21.11 -10.43
CA ASP A 211 6.49 -20.73 -9.06
C ASP A 211 5.03 -21.08 -8.81
N PRO A 212 4.78 -22.28 -8.29
CA PRO A 212 3.40 -22.71 -8.07
C PRO A 212 2.54 -21.63 -7.47
N ASN A 213 2.97 -21.10 -6.34
CA ASN A 213 2.08 -20.35 -5.49
C ASN A 213 2.12 -18.85 -5.73
N TYR A 214 2.85 -18.39 -6.74
CA TYR A 214 2.92 -16.97 -6.95
C TYR A 214 1.53 -16.37 -7.06
N LEU A 215 0.72 -16.89 -7.96
CA LEU A 215 -0.63 -16.36 -8.15
C LEU A 215 -1.41 -16.30 -6.84
N GLN A 216 -1.27 -17.30 -5.97
CA GLN A 216 -2.00 -17.25 -4.71
C GLN A 216 -1.41 -16.18 -3.79
N ASN A 217 -0.10 -15.96 -3.90
CA ASN A 217 0.58 -15.03 -3.03
C ASN A 217 0.20 -13.59 -3.37
N VAL A 218 0.29 -13.23 -4.64
CA VAL A 218 0.01 -11.86 -5.02
C VAL A 218 -1.47 -11.55 -4.84
N LEU A 219 -2.35 -12.46 -5.23
CA LEU A 219 -3.78 -12.23 -5.10
C LEU A 219 -4.20 -11.90 -3.68
N ALA A 220 -3.41 -12.30 -2.70
CA ALA A 220 -3.60 -11.87 -1.33
C ALA A 220 -2.71 -10.69 -0.98
N GLU A 221 -1.63 -10.50 -1.74
CA GLU A 221 -0.76 -9.35 -1.54
C GLU A 221 -1.44 -8.08 -1.97
N LEU A 222 -2.37 -8.15 -2.92
CA LEU A 222 -3.12 -6.95 -3.21
C LEU A 222 -4.47 -6.92 -2.52
N ALA A 223 -4.97 -8.03 -2.01
CA ALA A 223 -6.08 -7.90 -1.08
C ALA A 223 -5.65 -7.15 0.16
N ALA A 224 -4.35 -7.23 0.51
CA ALA A 224 -3.87 -6.53 1.69
C ALA A 224 -3.82 -5.01 1.47
N GLN A 225 -3.93 -4.56 0.21
CA GLN A 225 -4.06 -3.14 -0.12
C GLN A 225 -5.47 -2.78 -0.57
N GLY A 226 -6.43 -3.65 -0.30
CA GLY A 226 -7.81 -3.29 -0.55
C GLY A 226 -8.23 -3.47 -1.97
N VAL A 227 -7.54 -4.33 -2.71
CA VAL A 227 -7.86 -4.69 -4.08
C VAL A 227 -8.38 -6.11 -4.05
N THR A 228 -9.68 -6.26 -4.25
CA THR A 228 -10.35 -7.53 -4.17
C THR A 228 -11.40 -7.59 -5.27
N GLU A 229 -12.27 -8.59 -5.20
CA GLU A 229 -13.43 -8.67 -6.08
C GLU A 229 -14.23 -7.36 -6.09
N1 APR B . 11.78 -8.09 -9.71
C2 APR B . 10.68 -8.05 -8.97
N3 APR B . 10.56 -7.74 -7.69
C4 APR B . 11.74 -7.48 -7.15
C5 APR B . 12.96 -7.50 -7.77
C6 APR B . 12.97 -7.83 -9.14
N6 APR B . 14.06 -7.88 -9.87
N7 APR B . 13.96 -7.16 -6.89
C8 APR B . 13.33 -6.94 -5.76
N9 APR B . 12.01 -7.13 -5.86
C1' APR B . 11.03 -6.93 -4.86
C2' APR B . 11.49 -7.28 -3.45
O2' APR B . 11.25 -8.64 -3.20
C3' APR B . 10.56 -6.38 -2.64
O3' APR B . 9.28 -6.95 -2.67
O4' APR B . 10.78 -5.54 -4.83
C4' APR B . 10.49 -5.10 -3.48
C5' APR B . 11.37 -3.95 -3.10
O5' APR B . 12.68 -4.12 -3.63
PA APR B . 13.51 -2.86 -4.08
O1A APR B . 14.85 -3.25 -4.51
O2A APR B . 13.43 -1.84 -3.03
O3A APR B . 12.72 -2.35 -5.34
PB APR B . 13.39 -1.94 -6.69
O1B APR B . 14.67 -1.28 -6.41
O2B APR B . 12.43 -1.36 -7.62
O5D APR B . 13.71 -3.39 -7.13
C5D APR B . 14.84 -3.63 -7.94
O4D APR B . 15.38 -2.43 -9.89
O1D APR B . 17.19 -2.45 -11.15
C1D APR B . 15.92 -2.88 -11.07
O2D APR B . 15.97 -5.11 -12.16
C2D APR B . 15.83 -4.40 -10.95
O3D APR B . 13.37 -4.60 -11.18
C3D APR B . 14.48 -4.59 -10.31
C4D APR B . 14.45 -3.37 -9.37
ZN ZN C . -8.73 -3.43 13.93
ZN ZN D . -1.99 6.24 21.75
#